data_8OSC
#
_entry.id   8OSC
#
_cell.length_a   107.354
_cell.length_b   38.772
_cell.length_c   66.195
_cell.angle_alpha   90.00
_cell.angle_beta   120.29
_cell.angle_gamma   90.00
#
_symmetry.space_group_name_H-M   'C 1 2 1'
#
loop_
_entity.id
_entity.type
_entity.pdbx_description
1 polymer "2'-deoxynucleoside 5'-phosphate N-hydrolase 1"
2 non-polymer "2'-DEOXYURIDINE 5'-MONOPHOSPHATE"
3 water water
#
_entity_poly.entity_id   1
_entity_poly.type   'polypeptide(L)'
_entity_poly.pdbx_seq_one_letter_code
;GMRPALYFCGSIRGGREDRTLYERIVSRLRRFGTVLTEHVAAAELGARGEEAAGGDRLIHEQDLEWLQQADVVVAEVTQP
SLGVGYELGRAVAFNKRILCLFRPQSGRVLSAMIRGAADGSRFQVWDYEEGEVEALLDRYFEADP
;
_entity_poly.pdbx_strand_id   A,B
#
# COMPACT_ATOMS: atom_id res chain seq x y z
N MET A 2 -28.55 6.24 6.36
CA MET A 2 -29.10 7.50 6.83
C MET A 2 -28.02 8.47 7.31
N ARG A 3 -26.87 7.93 7.69
CA ARG A 3 -25.70 8.71 8.09
C ARG A 3 -24.55 8.43 7.13
N PRO A 4 -23.61 9.37 7.00
CA PRO A 4 -22.41 9.10 6.20
C PRO A 4 -21.67 7.89 6.73
N ALA A 5 -20.96 7.23 5.82
CA ALA A 5 -20.19 6.01 6.18
C ALA A 5 -18.71 6.35 6.07
N LEU A 6 -18.00 6.12 7.16
CA LEU A 6 -16.57 6.47 7.20
C LEU A 6 -15.72 5.21 7.39
N TYR A 7 -14.60 5.16 6.69
CA TYR A 7 -13.67 4.02 6.82
C TYR A 7 -12.37 4.56 7.39
N PHE A 8 -11.91 3.96 8.47
CA PHE A 8 -10.62 4.36 9.08
C PHE A 8 -9.55 3.29 8.86
N CYS A 9 -8.38 3.70 8.35
CA CYS A 9 -7.20 2.82 8.17
C CYS A 9 -6.10 3.26 9.13
N GLY A 10 -5.45 2.32 9.81
CA GLY A 10 -4.31 2.64 10.67
C GLY A 10 -3.49 1.40 11.00
N SER A 11 -2.18 1.53 11.10
CA SER A 11 -1.33 0.38 11.49
C SER A 11 -1.50 0.08 12.98
N ASP A 18 0.44 5.51 19.67
CA ASP A 18 -0.34 5.50 18.44
C ASP A 18 -1.77 5.02 18.70
N ARG A 19 -1.92 4.08 19.63
CA ARG A 19 -3.27 3.57 19.95
C ARG A 19 -4.14 4.73 20.42
N THR A 20 -3.60 5.57 21.29
CA THR A 20 -4.36 6.71 21.84
C THR A 20 -4.78 7.66 20.71
N LEU A 21 -3.88 7.94 19.78
CA LEU A 21 -4.20 8.87 18.67
C LEU A 21 -5.24 8.23 17.76
N TYR A 22 -5.10 6.94 17.48
CA TYR A 22 -6.10 6.22 16.65
C TYR A 22 -7.46 6.29 17.32
N GLU A 23 -7.50 6.10 18.63
CA GLU A 23 -8.78 6.13 19.39
C GLU A 23 -9.36 7.54 19.34
N ARG A 24 -8.51 8.55 19.47
CA ARG A 24 -8.98 9.95 19.37
C ARG A 24 -9.57 10.20 17.97
N ILE A 25 -8.92 9.70 16.93
CA ILE A 25 -9.43 9.91 15.58
C ILE A 25 -10.76 9.20 15.39
N VAL A 26 -10.82 7.91 15.74
CA VAL A 26 -12.04 7.14 15.56
C VAL A 26 -13.18 7.77 16.36
N SER A 27 -12.89 8.18 17.59
CA SER A 27 -13.94 8.76 18.42
C SER A 27 -14.49 10.04 17.81
N ARG A 28 -13.62 10.88 17.24
CA ARG A 28 -14.11 12.11 16.63
C ARG A 28 -14.83 11.86 15.32
N LEU A 29 -14.42 10.82 14.56
CA LEU A 29 -15.13 10.50 13.33
C LEU A 29 -16.59 10.15 13.58
N ARG A 30 -16.91 9.58 14.75
CA ARG A 30 -18.30 9.22 15.05
C ARG A 30 -19.21 10.44 15.10
N ARG A 31 -18.65 11.65 15.28
CA ARG A 31 -19.45 12.87 15.21
C ARG A 31 -20.03 13.08 13.82
N PHE A 32 -19.40 12.51 12.79
CA PHE A 32 -19.74 12.81 11.40
C PHE A 32 -20.44 11.67 10.69
N GLY A 33 -20.44 10.47 11.24
CA GLY A 33 -21.12 9.36 10.59
C GLY A 33 -20.77 8.06 11.28
N THR A 34 -21.12 6.97 10.63
CA THR A 34 -20.82 5.64 11.15
C THR A 34 -19.43 5.23 10.69
N VAL A 35 -18.59 4.79 11.63
CA VAL A 35 -17.25 4.30 11.30
C VAL A 35 -17.36 2.80 11.04
N LEU A 36 -17.28 2.41 9.77
CA LEU A 36 -17.56 1.02 9.38
C LEU A 36 -16.54 0.06 9.94
N THR A 37 -15.32 0.52 10.16
CA THR A 37 -14.20 -0.31 10.53
C THR A 37 -14.05 -0.44 12.04
N GLY A 54 -12.09 -16.76 10.79
CA GLY A 54 -12.33 -16.30 9.43
C GLY A 54 -11.16 -16.53 8.49
N GLY A 55 -10.02 -15.93 8.80
CA GLY A 55 -8.83 -15.98 7.98
C GLY A 55 -8.58 -14.68 7.25
N ASP A 56 -7.37 -14.57 6.70
CA ASP A 56 -6.96 -13.32 6.05
C ASP A 56 -7.81 -13.00 4.83
N ARG A 57 -8.22 -14.01 4.06
CA ARG A 57 -9.05 -13.72 2.89
C ARG A 57 -10.39 -13.09 3.30
N LEU A 58 -11.00 -13.61 4.37
CA LEU A 58 -12.26 -13.04 4.83
C LEU A 58 -12.08 -11.61 5.33
N ILE A 59 -10.96 -11.33 6.00
CA ILE A 59 -10.64 -9.96 6.42
C ILE A 59 -10.54 -9.06 5.20
N HIS A 60 -9.78 -9.49 4.20
CA HIS A 60 -9.57 -8.70 3.00
C HIS A 60 -10.90 -8.40 2.32
N GLU A 61 -11.80 -9.39 2.19
CA GLU A 61 -13.03 -9.16 1.47
C GLU A 61 -13.99 -8.27 2.25
N GLN A 62 -14.01 -8.40 3.59
CA GLN A 62 -14.83 -7.50 4.40
C GLN A 62 -14.31 -6.07 4.31
N ASP A 63 -13.00 -5.89 4.35
CA ASP A 63 -12.45 -4.54 4.24
C ASP A 63 -12.76 -3.94 2.87
N LEU A 64 -12.66 -4.74 1.80
CA LEU A 64 -12.97 -4.23 0.47
C LEU A 64 -14.44 -3.82 0.37
N GLU A 65 -15.33 -4.61 0.99
CA GLU A 65 -16.75 -4.24 0.96
C GLU A 65 -16.97 -2.94 1.72
N TRP A 66 -16.32 -2.77 2.88
CA TRP A 66 -16.48 -1.51 3.61
C TRP A 66 -15.88 -0.33 2.86
N LEU A 67 -14.74 -0.55 2.17
CA LEU A 67 -14.18 0.53 1.38
C LEU A 67 -15.15 1.00 0.31
N GLN A 68 -15.86 0.09 -0.33
CA GLN A 68 -16.78 0.47 -1.43
C GLN A 68 -18.01 1.19 -0.87
N GLN A 69 -18.37 0.88 0.36
CA GLN A 69 -19.54 1.53 1.00
C GLN A 69 -19.15 2.92 1.53
N ALA A 70 -17.88 3.14 1.81
CA ALA A 70 -17.45 4.38 2.48
C ALA A 70 -17.65 5.64 1.64
N ASP A 71 -18.05 6.70 2.32
CA ASP A 71 -18.17 8.02 1.67
C ASP A 71 -16.81 8.71 1.78
N VAL A 72 -16.08 8.45 2.85
CA VAL A 72 -14.73 9.02 3.04
C VAL A 72 -13.81 7.95 3.64
N VAL A 73 -12.58 7.88 3.14
CA VAL A 73 -11.57 6.96 3.69
C VAL A 73 -10.54 7.81 4.43
N VAL A 74 -10.36 7.54 5.72
CA VAL A 74 -9.37 8.28 6.53
C VAL A 74 -8.25 7.32 6.90
N ALA A 75 -7.02 7.77 6.71
CA ALA A 75 -5.89 6.93 7.05
C ALA A 75 -4.87 7.72 7.86
N GLU A 76 -4.38 7.14 8.94
CA GLU A 76 -3.24 7.69 9.66
C GLU A 76 -2.00 7.02 9.08
N VAL A 77 -1.20 7.80 8.37
CA VAL A 77 -0.06 7.24 7.57
C VAL A 77 1.33 7.51 8.17
N THR A 78 1.40 7.76 9.47
CA THR A 78 2.70 8.02 10.13
C THR A 78 3.53 6.73 10.23
N GLN A 79 2.90 5.63 10.58
CA GLN A 79 3.60 4.33 10.67
C GLN A 79 3.56 3.64 9.31
N PRO A 80 4.71 3.24 8.76
CA PRO A 80 4.70 2.48 7.51
C PRO A 80 3.90 1.17 7.64
N SER A 81 3.03 0.93 6.66
CA SER A 81 2.14 -0.25 6.72
C SER A 81 1.77 -0.67 5.30
N LEU A 82 2.02 -1.93 4.99
CA LEU A 82 1.57 -2.46 3.70
C LEU A 82 0.06 -2.43 3.61
N GLY A 83 -0.63 -2.77 4.71
CA GLY A 83 -2.08 -2.85 4.65
C GLY A 83 -2.71 -1.48 4.45
N VAL A 84 -2.22 -0.47 5.15
CA VAL A 84 -2.78 0.88 4.95
C VAL A 84 -2.51 1.35 3.53
N GLY A 85 -1.30 1.13 3.03
CA GLY A 85 -1.01 1.51 1.65
C GLY A 85 -1.91 0.79 0.66
N TYR A 86 -2.12 -0.50 0.87
CA TYR A 86 -2.99 -1.27 -0.02
C TYR A 86 -4.41 -0.72 0.01
N GLU A 87 -4.94 -0.47 1.20
CA GLU A 87 -6.29 0.08 1.33
C GLU A 87 -6.40 1.42 0.59
N LEU A 88 -5.37 2.27 0.70
CA LEU A 88 -5.38 3.54 -0.01
C LEU A 88 -5.33 3.34 -1.52
N GLY A 89 -4.53 2.38 -1.99
CA GLY A 89 -4.50 2.12 -3.42
C GLY A 89 -5.84 1.64 -3.94
N ARG A 90 -6.48 0.71 -3.21
CA ARG A 90 -7.81 0.26 -3.64
C ARG A 90 -8.80 1.41 -3.57
N ALA A 91 -8.70 2.26 -2.54
CA ALA A 91 -9.63 3.38 -2.39
C ALA A 91 -9.50 4.36 -3.54
N VAL A 92 -8.27 4.63 -3.99
CA VAL A 92 -8.08 5.52 -5.13
C VAL A 92 -8.73 4.95 -6.36
N ALA A 93 -8.56 3.65 -6.57
CA ALA A 93 -9.15 3.02 -7.75
C ALA A 93 -10.68 3.00 -7.68
N PHE A 94 -11.27 2.94 -6.48
CA PHE A 94 -12.70 3.12 -6.30
C PHE A 94 -13.13 4.60 -6.33
N ASN A 95 -12.19 5.51 -6.56
CA ASN A 95 -12.46 6.94 -6.66
C ASN A 95 -13.10 7.50 -5.39
N LYS A 96 -12.66 7.01 -4.23
CA LYS A 96 -13.15 7.52 -2.96
C LYS A 96 -12.45 8.83 -2.57
N ARG A 97 -13.19 9.64 -1.80
CA ARG A 97 -12.58 10.78 -1.11
C ARG A 97 -11.70 10.26 0.02
N ILE A 98 -10.46 10.73 0.08
CA ILE A 98 -9.44 10.20 0.97
C ILE A 98 -8.80 11.36 1.75
N LEU A 99 -8.67 11.17 3.06
CA LEU A 99 -7.92 12.07 3.92
C LEU A 99 -6.83 11.28 4.62
N CYS A 100 -5.58 11.67 4.40
CA CYS A 100 -4.44 11.04 5.04
C CYS A 100 -3.85 12.02 6.05
N LEU A 101 -3.53 11.48 7.23
CA LEU A 101 -3.01 12.28 8.36
C LEU A 101 -1.59 11.81 8.70
N PHE A 102 -0.65 12.74 8.69
CA PHE A 102 0.77 12.41 8.96
C PHE A 102 1.32 13.32 10.06
N ARG A 103 2.11 12.73 10.96
CA ARG A 103 2.74 13.48 12.08
C ARG A 103 4.24 13.64 11.80
N PRO A 104 4.68 14.82 11.33
CA PRO A 104 6.08 15.03 11.06
C PRO A 104 6.99 14.88 12.30
N GLN A 105 6.40 15.05 13.48
CA GLN A 105 7.21 14.91 14.72
C GLN A 105 7.74 13.48 14.84
N SER A 106 7.20 12.56 14.06
CA SER A 106 7.70 11.16 14.02
C SER A 106 9.17 11.14 13.61
N GLY A 107 9.60 12.17 12.87
CA GLY A 107 10.96 12.19 12.33
C GLY A 107 11.08 11.38 11.05
N ARG A 108 9.96 10.84 10.58
CA ARG A 108 9.98 10.08 9.33
C ARG A 108 9.61 10.94 8.12
N VAL A 109 10.09 10.53 6.96
CA VAL A 109 9.69 11.16 5.70
C VAL A 109 8.58 10.30 5.11
N LEU A 110 7.42 10.90 4.89
CA LEU A 110 6.28 10.15 4.36
C LEU A 110 6.56 9.66 2.93
N SER A 111 6.16 8.41 2.67
CA SER A 111 6.29 7.77 1.36
C SER A 111 5.91 8.72 0.23
N ALA A 112 6.75 8.76 -0.81
CA ALA A 112 6.45 9.60 -1.96
C ALA A 112 5.19 9.15 -2.69
N MET A 113 4.82 7.88 -2.57
CA MET A 113 3.62 7.44 -3.27
C MET A 113 2.37 7.99 -2.62
N ILE A 114 2.43 8.24 -1.30
CA ILE A 114 1.29 8.82 -0.60
C ILE A 114 1.32 10.34 -0.70
N ARG A 115 2.46 10.95 -0.39
CA ARG A 115 2.56 12.40 -0.52
C ARG A 115 2.28 12.83 -1.96
N GLY A 116 2.81 12.08 -2.93
CA GLY A 116 2.65 12.41 -4.33
C GLY A 116 1.28 12.15 -4.91
N ALA A 117 0.42 11.38 -4.22
CA ALA A 117 -0.95 11.18 -4.66
C ALA A 117 -1.85 12.36 -4.33
N ALA A 118 -1.41 13.27 -3.47
CA ALA A 118 -2.27 14.36 -3.00
C ALA A 118 -2.58 15.32 -4.13
N ASP A 119 -3.85 15.68 -4.25
CA ASP A 119 -4.29 16.69 -5.20
C ASP A 119 -5.03 17.85 -4.54
N GLY A 120 -5.14 17.86 -3.21
CA GLY A 120 -5.77 18.96 -2.50
C GLY A 120 -7.28 18.90 -2.42
N SER A 121 -7.91 17.95 -3.10
CA SER A 121 -9.37 17.87 -3.03
C SER A 121 -9.83 16.46 -2.74
N ARG A 122 -9.83 15.58 -3.74
CA ARG A 122 -10.28 14.22 -3.51
C ARG A 122 -9.26 13.37 -2.74
N PHE A 123 -7.98 13.70 -2.81
CA PHE A 123 -6.93 13.00 -2.06
C PHE A 123 -6.14 14.07 -1.32
N GLN A 124 -6.34 14.16 -0.01
CA GLN A 124 -5.67 15.16 0.81
C GLN A 124 -4.71 14.49 1.77
N VAL A 125 -3.52 15.06 1.91
CA VAL A 125 -2.51 14.58 2.88
C VAL A 125 -2.17 15.77 3.79
N TRP A 126 -2.52 15.64 5.06
CA TRP A 126 -2.33 16.76 6.01
C TRP A 126 -1.32 16.40 7.10
N ASP A 127 -0.35 17.28 7.26
CA ASP A 127 0.62 17.14 8.36
C ASP A 127 -0.07 17.74 9.60
N TYR A 128 0.13 17.11 10.74
CA TYR A 128 -0.51 17.61 11.96
C TYR A 128 0.34 17.36 13.20
N GLU A 129 0.11 18.22 14.19
CA GLU A 129 0.73 18.05 15.52
C GLU A 129 -0.34 17.33 16.34
N GLU A 130 0.06 16.48 17.26
CA GLU A 130 -0.88 15.56 17.91
C GLU A 130 -2.03 16.27 18.62
N GLY A 131 -1.80 17.45 19.17
CA GLY A 131 -2.84 18.11 19.93
C GLY A 131 -4.00 18.63 19.09
N GLU A 132 -3.80 18.78 17.78
CA GLU A 132 -4.75 19.46 16.91
C GLU A 132 -5.59 18.51 16.05
N VAL A 133 -5.49 17.20 16.25
CA VAL A 133 -6.09 16.28 15.29
C VAL A 133 -7.62 16.44 15.22
N GLU A 134 -8.29 16.67 16.35
CA GLU A 134 -9.74 16.85 16.29
C GLU A 134 -10.13 18.12 15.56
N ALA A 135 -9.37 19.19 15.71
CA ALA A 135 -9.67 20.45 15.00
C ALA A 135 -9.52 20.27 13.48
N LEU A 136 -8.53 19.47 13.09
CA LEU A 136 -8.31 19.21 11.66
C LEU A 136 -9.51 18.42 11.08
N LEU A 137 -9.96 17.42 11.79
CA LEU A 137 -11.10 16.60 11.31
C LEU A 137 -12.37 17.47 11.23
N ASP A 138 -12.54 18.34 12.22
CA ASP A 138 -13.73 19.22 12.23
C ASP A 138 -13.69 20.10 10.98
N ARG A 139 -12.52 20.62 10.65
CA ARG A 139 -12.34 21.47 9.46
C ARG A 139 -12.65 20.68 8.17
N TYR A 140 -12.21 19.45 8.10
CA TYR A 140 -12.40 18.65 6.87
C TYR A 140 -13.85 18.24 6.71
N PHE A 141 -14.53 17.90 7.79
CA PHE A 141 -15.92 17.38 7.73
C PHE A 141 -16.96 18.48 8.02
N GLY B 1 5.13 -4.95 -26.38
CA GLY B 1 6.53 -4.91 -26.77
C GLY B 1 7.11 -6.31 -26.89
N MET B 2 8.36 -6.42 -27.32
CA MET B 2 8.99 -7.73 -27.42
C MET B 2 9.04 -8.41 -26.06
N ARG B 3 9.70 -7.80 -25.13
CA ARG B 3 9.91 -8.49 -23.87
C ARG B 3 8.76 -8.20 -22.92
N PRO B 4 8.51 -9.10 -21.95
CA PRO B 4 7.57 -8.79 -20.90
C PRO B 4 8.10 -7.59 -20.12
N ALA B 5 7.20 -6.68 -19.77
CA ALA B 5 7.58 -5.52 -18.95
C ALA B 5 7.34 -5.86 -17.49
N LEU B 6 8.40 -5.76 -16.70
CA LEU B 6 8.31 -6.14 -15.29
C LEU B 6 8.47 -4.90 -14.42
N TYR B 7 7.63 -4.82 -13.40
CA TYR B 7 7.68 -3.72 -12.43
C TYR B 7 8.09 -4.31 -11.08
N PHE B 8 9.16 -3.76 -10.50
CA PHE B 8 9.61 -4.21 -9.17
C PHE B 8 9.29 -3.16 -8.09
N CYS B 9 8.68 -3.61 -6.99
CA CYS B 9 8.35 -2.74 -5.84
C CYS B 9 9.09 -3.24 -4.58
N GLY B 10 9.74 -2.34 -3.87
CA GLY B 10 10.37 -2.66 -2.59
C GLY B 10 10.43 -1.42 -1.72
N SER B 11 10.52 -1.61 -0.40
CA SER B 11 10.51 -0.47 0.54
C SER B 11 11.65 0.50 0.30
N ILE B 12 11.34 1.80 0.36
CA ILE B 12 12.41 2.83 0.30
C ILE B 12 12.25 3.69 1.57
N ARG B 13 11.27 4.58 1.59
CA ARG B 13 11.04 5.45 2.77
C ARG B 13 10.52 4.63 3.96
N GLY B 14 10.02 3.42 3.73
CA GLY B 14 9.62 2.57 4.87
C GLY B 14 10.81 1.88 5.50
N GLY B 15 11.98 1.96 4.86
CA GLY B 15 13.19 1.27 5.34
C GLY B 15 13.98 0.63 4.20
N ARG B 16 15.31 0.81 4.19
CA ARG B 16 16.19 0.26 3.13
C ARG B 16 16.94 -0.98 3.60
N GLU B 17 16.43 -1.64 4.63
CA GLU B 17 17.11 -2.84 5.20
C GLU B 17 17.38 -3.92 4.13
N ASP B 18 16.49 -4.08 3.16
CA ASP B 18 16.62 -5.19 2.18
C ASP B 18 17.13 -4.70 0.82
N ARG B 19 17.83 -3.58 0.79
CA ARG B 19 18.26 -3.00 -0.51
C ARG B 19 19.18 -3.96 -1.28
N THR B 20 20.10 -4.61 -0.60
CA THR B 20 21.05 -5.55 -1.29
C THR B 20 20.29 -6.74 -1.89
N LEU B 21 19.31 -7.30 -1.18
CA LEU B 21 18.45 -8.38 -1.73
C LEU B 21 17.68 -7.86 -2.95
N TYR B 22 17.17 -6.64 -2.86
CA TYR B 22 16.39 -6.06 -3.98
C TYR B 22 17.22 -6.09 -5.26
N GLU B 23 18.52 -5.78 -5.14
CA GLU B 23 19.41 -5.78 -6.32
C GLU B 23 19.56 -7.18 -6.92
N ARG B 24 19.59 -8.21 -6.07
CA ARG B 24 19.70 -9.60 -6.56
C ARG B 24 18.42 -9.98 -7.30
N ILE B 25 17.28 -9.59 -6.73
CA ILE B 25 15.97 -9.88 -7.39
C ILE B 25 15.91 -9.18 -8.75
N VAL B 26 16.26 -7.89 -8.78
CA VAL B 26 16.17 -7.09 -10.03
C VAL B 26 17.11 -7.70 -11.09
N SER B 27 18.27 -8.16 -10.65
CA SER B 27 19.25 -8.78 -11.59
C SER B 27 18.62 -10.02 -12.25
N ARG B 28 17.95 -10.85 -11.47
CA ARG B 28 17.35 -12.09 -12.03
C ARG B 28 16.10 -11.75 -12.86
N LEU B 29 15.34 -10.73 -12.44
CA LEU B 29 14.16 -10.31 -13.23
C LEU B 29 14.61 -9.87 -14.63
N ARG B 30 15.77 -9.25 -14.74
CA ARG B 30 16.31 -8.75 -16.03
C ARG B 30 16.50 -9.92 -17.01
N ARG B 31 16.68 -11.12 -16.48
CA ARG B 31 16.76 -12.31 -17.37
C ARG B 31 15.42 -12.57 -18.05
N PHE B 32 14.31 -12.21 -17.41
CA PHE B 32 12.98 -12.61 -17.92
C PHE B 32 12.17 -11.45 -18.51
N GLY B 33 12.74 -10.26 -18.52
CA GLY B 33 12.02 -9.14 -19.12
C GLY B 33 12.69 -7.82 -18.89
N THR B 34 12.06 -6.78 -19.41
CA THR B 34 12.57 -5.42 -19.18
C THR B 34 12.04 -4.95 -17.83
N VAL B 35 12.94 -4.59 -16.94
CA VAL B 35 12.57 -4.09 -15.59
C VAL B 35 12.39 -2.59 -15.72
N LEU B 36 11.15 -2.13 -15.62
CA LEU B 36 10.86 -0.70 -15.90
C LEU B 36 11.33 0.17 -14.75
N THR B 37 11.35 -0.37 -13.55
CA THR B 37 11.64 0.46 -12.36
C THR B 37 13.15 0.71 -12.17
N GLY B 54 7.91 19.46 -6.49
CA GLY B 54 7.02 18.47 -7.11
C GLY B 54 7.67 17.09 -7.20
N GLY B 55 8.67 16.85 -6.37
CA GLY B 55 9.43 15.58 -6.46
C GLY B 55 8.56 14.36 -6.20
N ASP B 56 7.75 14.42 -5.14
CA ASP B 56 6.91 13.26 -4.78
C ASP B 56 5.84 13.01 -5.84
N ARG B 57 5.21 14.06 -6.34
CA ARG B 57 4.18 13.89 -7.38
C ARG B 57 4.82 13.27 -8.63
N LEU B 58 6.02 13.72 -8.96
CA LEU B 58 6.70 13.20 -10.17
C LEU B 58 7.04 11.71 -9.98
N ILE B 59 7.48 11.32 -8.79
CA ILE B 59 7.74 9.89 -8.51
C ILE B 59 6.42 9.12 -8.65
N HIS B 60 5.37 9.64 -8.04
CA HIS B 60 4.06 8.95 -8.08
C HIS B 60 3.60 8.76 -9.53
N GLU B 61 3.67 9.83 -10.31
CA GLU B 61 3.14 9.77 -11.69
C GLU B 61 3.99 8.83 -12.57
N GLN B 62 5.30 8.87 -12.43
CA GLN B 62 6.15 7.98 -13.26
C GLN B 62 5.91 6.53 -12.84
N ASP B 63 5.81 6.28 -11.54
CA ASP B 63 5.60 4.90 -11.05
C ASP B 63 4.26 4.37 -11.56
N LEU B 64 3.23 5.22 -11.56
CA LEU B 64 1.90 4.79 -12.03
C LEU B 64 1.96 4.49 -13.54
N GLU B 65 2.73 5.28 -14.27
CA GLU B 65 2.89 5.01 -15.72
C GLU B 65 3.56 3.64 -15.95
N TRP B 66 4.62 3.38 -15.21
CA TRP B 66 5.33 2.08 -15.32
C TRP B 66 4.41 0.95 -14.89
N LEU B 67 3.65 1.17 -13.81
CA LEU B 67 2.71 0.13 -13.32
C LEU B 67 1.68 -0.20 -14.40
N GLN B 68 1.21 0.82 -15.09
CA GLN B 68 0.20 0.61 -16.15
C GLN B 68 0.83 -0.12 -17.34
N GLN B 69 2.12 0.11 -17.57
CA GLN B 69 2.81 -0.55 -18.71
C GLN B 69 3.21 -2.00 -18.36
N ALA B 70 3.21 -2.36 -17.10
CA ALA B 70 3.74 -3.67 -16.67
C ALA B 70 2.88 -4.86 -17.03
N ASP B 71 3.54 -5.96 -17.38
CA ASP B 71 2.83 -7.23 -17.61
C ASP B 71 2.84 -8.02 -16.30
N VAL B 72 3.87 -7.83 -15.50
CA VAL B 72 3.97 -8.51 -14.17
C VAL B 72 4.49 -7.52 -13.13
N VAL B 73 3.86 -7.54 -11.96
CA VAL B 73 4.32 -6.69 -10.83
C VAL B 73 4.92 -7.61 -9.76
N VAL B 74 6.16 -7.34 -9.41
CA VAL B 74 6.87 -8.14 -8.38
C VAL B 74 7.16 -7.24 -7.19
N ALA B 75 6.73 -7.68 -6.02
CA ALA B 75 6.94 -6.88 -4.81
C ALA B 75 7.60 -7.71 -3.71
N GLU B 76 8.61 -7.14 -3.08
CA GLU B 76 9.19 -7.76 -1.87
C GLU B 76 8.42 -7.13 -0.70
N VAL B 77 7.63 -7.93 0.01
CA VAL B 77 6.70 -7.37 1.03
C VAL B 77 7.12 -7.71 2.47
N THR B 78 8.40 -7.98 2.68
CA THR B 78 8.89 -8.27 4.05
C THR B 78 8.95 -6.98 4.88
N GLN B 79 9.54 -5.92 4.33
CA GLN B 79 9.62 -4.64 5.04
C GLN B 79 8.31 -3.87 4.91
N PRO B 80 7.64 -3.50 5.99
CA PRO B 80 6.39 -2.73 5.86
C PRO B 80 6.63 -1.40 5.15
N SER B 81 5.73 -1.07 4.23
CA SER B 81 5.93 0.10 3.37
C SER B 81 4.58 0.56 2.85
N LEU B 82 4.27 1.84 3.08
CA LEU B 82 3.05 2.41 2.51
C LEU B 82 3.10 2.38 0.99
N GLY B 83 4.27 2.70 0.42
CA GLY B 83 4.38 2.81 -1.02
C GLY B 83 4.23 1.49 -1.71
N VAL B 84 4.83 0.43 -1.17
CA VAL B 84 4.66 -0.89 -1.75
C VAL B 84 3.20 -1.34 -1.65
N GLY B 85 2.57 -1.12 -0.49
CA GLY B 85 1.16 -1.47 -0.36
C GLY B 85 0.31 -0.71 -1.35
N TYR B 86 0.56 0.60 -1.49
CA TYR B 86 -0.20 1.42 -2.44
C TYR B 86 -0.03 0.91 -3.88
N GLU B 87 1.21 0.62 -4.28
CA GLU B 87 1.45 0.10 -5.63
C GLU B 87 0.70 -1.21 -5.83
N LEU B 88 0.68 -2.07 -4.83
CA LEU B 88 -0.04 -3.33 -4.96
C LEU B 88 -1.53 -3.10 -5.08
N GLY B 89 -2.08 -2.15 -4.33
CA GLY B 89 -3.51 -1.88 -4.44
C GLY B 89 -3.88 -1.32 -5.80
N ARG B 90 -3.08 -0.40 -6.33
CA ARG B 90 -3.33 0.09 -7.69
C ARG B 90 -3.16 -1.03 -8.71
N ALA B 91 -2.17 -1.91 -8.52
CA ALA B 91 -1.92 -3.00 -9.47
C ALA B 91 -3.09 -3.97 -9.51
N VAL B 92 -3.65 -4.32 -8.35
CA VAL B 92 -4.81 -5.21 -8.32
C VAL B 92 -5.95 -4.59 -9.10
N ALA B 93 -6.20 -3.30 -8.88
CA ALA B 93 -7.31 -2.64 -9.54
C ALA B 93 -7.09 -2.53 -11.04
N PHE B 94 -5.83 -2.50 -11.48
CA PHE B 94 -5.48 -2.59 -12.90
C PHE B 94 -5.47 -4.03 -13.42
N ASN B 95 -5.86 -5.00 -12.60
CA ASN B 95 -5.93 -6.40 -13.03
CA ASN B 95 -5.92 -6.42 -12.97
C ASN B 95 -4.57 -6.94 -13.45
N LYS B 96 -3.49 -6.49 -12.81
CA LYS B 96 -2.15 -6.97 -13.15
C LYS B 96 -1.88 -8.32 -12.51
N ARG B 97 -1.03 -9.10 -13.17
CA ARG B 97 -0.45 -10.29 -12.54
C ARG B 97 0.59 -9.84 -11.52
N ILE B 98 0.49 -10.37 -10.30
CA ILE B 98 1.28 -9.89 -9.18
C ILE B 98 1.95 -11.07 -8.49
N LEU B 99 3.24 -10.92 -8.19
CA LEU B 99 3.99 -11.86 -7.36
C LEU B 99 4.56 -11.08 -6.16
N CYS B 100 4.16 -11.47 -4.95
CA CYS B 100 4.70 -10.91 -3.72
C CYS B 100 5.61 -11.94 -3.08
N LEU B 101 6.75 -11.46 -2.61
CA LEU B 101 7.76 -12.31 -1.97
C LEU B 101 7.92 -11.90 -0.51
N PHE B 102 7.77 -12.86 0.38
CA PHE B 102 7.85 -12.59 1.83
C PHE B 102 8.85 -13.54 2.51
N ARG B 103 9.64 -13.01 3.43
CA ARG B 103 10.63 -13.83 4.18
C ARG B 103 10.16 -14.08 5.62
N PRO B 104 9.64 -15.28 5.92
CA PRO B 104 9.27 -15.59 7.29
C PRO B 104 10.43 -15.52 8.30
N GLN B 105 11.67 -15.65 7.84
CA GLN B 105 12.85 -15.57 8.73
C GLN B 105 12.97 -14.16 9.32
N SER B 106 12.16 -13.22 8.83
CA SER B 106 12.08 -11.85 9.38
C SER B 106 11.48 -11.89 10.78
N GLY B 107 10.67 -12.89 11.06
CA GLY B 107 9.95 -12.93 12.35
C GLY B 107 8.64 -12.18 12.26
N ARG B 108 8.34 -11.65 11.09
CA ARG B 108 7.12 -10.84 10.93
C ARG B 108 5.93 -11.67 10.48
N VAL B 109 4.74 -11.19 10.80
CA VAL B 109 3.53 -11.76 10.26
C VAL B 109 3.07 -10.80 9.17
N LEU B 110 3.00 -11.29 7.94
CA LEU B 110 2.63 -10.44 6.82
C LEU B 110 1.22 -9.89 6.99
N SER B 111 1.05 -8.61 6.67
CA SER B 111 -0.25 -7.95 6.68
C SER B 111 -1.34 -8.83 6.10
N ALA B 112 -2.47 -8.91 6.81
CA ALA B 112 -3.61 -9.69 6.33
C ALA B 112 -4.16 -9.18 5.00
N MET B 113 -4.03 -7.87 4.75
CA MET B 113 -4.53 -7.35 3.48
C MET B 113 -3.73 -7.89 2.31
N ILE B 114 -2.43 -8.15 2.50
CA ILE B 114 -1.62 -8.69 1.42
C ILE B 114 -1.81 -10.19 1.32
N ARG B 115 -1.66 -10.89 2.45
CA ARG B 115 -1.90 -12.33 2.46
C ARG B 115 -3.30 -12.66 1.96
N GLY B 116 -4.30 -11.88 2.40
CA GLY B 116 -5.68 -12.12 2.02
C GLY B 116 -6.03 -11.73 0.59
N ALA B 117 -5.19 -10.91 -0.06
CA ALA B 117 -5.43 -10.57 -1.46
C ALA B 117 -5.08 -11.72 -2.39
N ALA B 118 -4.30 -12.68 -1.92
CA ALA B 118 -3.82 -13.74 -2.80
C ALA B 118 -4.95 -14.67 -3.21
N ASP B 119 -4.99 -15.00 -4.50
CA ASP B 119 -5.91 -15.99 -5.02
C ASP B 119 -5.19 -17.21 -5.58
N GLY B 120 -3.87 -17.27 -5.49
CA GLY B 120 -3.12 -18.39 -6.02
C GLY B 120 -2.88 -18.38 -7.51
N SER B 121 -3.45 -17.40 -8.24
CA SER B 121 -3.23 -17.33 -9.68
C SER B 121 -2.73 -15.95 -10.08
N ARG B 122 -3.64 -15.00 -10.25
CA ARG B 122 -3.22 -13.67 -10.70
C ARG B 122 -2.53 -12.88 -9.58
N PHE B 123 -2.80 -13.21 -8.32
CA PHE B 123 -2.13 -12.57 -7.17
C PHE B 123 -1.57 -13.70 -6.32
N GLN B 124 -0.26 -13.83 -6.31
CA GLN B 124 0.39 -14.90 -5.56
C GLN B 124 1.31 -14.30 -4.52
N VAL B 125 1.30 -14.89 -3.34
CA VAL B 125 2.21 -14.53 -2.26
C VAL B 125 3.02 -15.76 -1.92
N TRP B 126 4.34 -15.69 -2.09
CA TRP B 126 5.22 -16.82 -1.85
C TRP B 126 6.16 -16.50 -0.69
N ASP B 127 6.19 -17.40 0.30
CA ASP B 127 7.21 -17.33 1.33
C ASP B 127 8.51 -17.91 0.81
N TYR B 128 9.63 -17.30 1.19
CA TYR B 128 10.90 -17.79 0.67
C TYR B 128 12.04 -17.48 1.63
N GLU B 129 13.15 -18.19 1.43
CA GLU B 129 14.41 -17.86 2.06
C GLU B 129 15.32 -17.16 1.05
N GLU B 130 16.10 -16.20 1.54
CA GLU B 130 16.93 -15.35 0.69
C GLU B 130 17.79 -16.14 -0.29
N GLY B 131 18.31 -17.29 0.15
CA GLY B 131 19.23 -18.03 -0.70
C GLY B 131 18.58 -18.66 -1.91
N GLU B 132 17.26 -18.83 -1.89
CA GLU B 132 16.56 -19.52 -2.96
C GLU B 132 15.81 -18.56 -3.88
N VAL B 133 16.09 -17.26 -3.81
CA VAL B 133 15.25 -16.32 -4.56
C VAL B 133 15.43 -16.49 -6.06
N GLU B 134 16.64 -16.81 -6.53
CA GLU B 134 16.85 -17.01 -7.96
C GLU B 134 16.05 -18.21 -8.47
N ALA B 135 16.07 -19.32 -7.72
CA ALA B 135 15.34 -20.52 -8.11
C ALA B 135 13.83 -20.28 -8.09
N LEU B 136 13.37 -19.50 -7.12
CA LEU B 136 11.96 -19.11 -7.07
C LEU B 136 11.54 -18.32 -8.29
N LEU B 137 12.33 -17.32 -8.66
CA LEU B 137 11.98 -16.50 -9.82
C LEU B 137 12.01 -17.33 -11.10
N ASP B 138 13.00 -18.21 -11.22
CA ASP B 138 13.07 -19.08 -12.42
C ASP B 138 11.79 -19.93 -12.54
N ARG B 139 11.29 -20.43 -11.42
CA ARG B 139 10.10 -21.29 -11.46
C ARG B 139 8.86 -20.48 -11.83
N TYR B 140 8.71 -19.30 -11.24
CA TYR B 140 7.52 -18.48 -11.50
C TYR B 140 7.46 -18.06 -12.98
N PHE B 141 8.61 -17.72 -13.55
CA PHE B 141 8.61 -17.18 -14.94
C PHE B 141 8.72 -18.31 -15.97
N GLU B 142 8.89 -19.54 -15.51
CA GLU B 142 8.92 -20.71 -16.43
C GLU B 142 7.48 -21.06 -16.81
#